data_8WIL
#
_entry.id   8WIL
#
_cell.length_a   61.519
_cell.length_b   89.185
_cell.length_c   121.768
_cell.angle_alpha   90.00
_cell.angle_beta   90.00
_cell.angle_gamma   90.00
#
_symmetry.space_group_name_H-M   'P 21 21 21'
#
loop_
_entity.id
_entity.type
_entity.pdbx_description
1 polymer 'Jingmen tick virus NSP1'
2 non-polymer 'MAGNESIUM ION'
3 non-polymer GLYCEROL
4 non-polymer DI(HYDROXYETHYL)ETHER
5 water water
#
_entity_poly.entity_id   1
_entity_poly.type   'polypeptide(L)'
_entity_poly.pdbx_seq_one_letter_code
;MEPTLGDPTELGRQAKKEMNAMTYEEFDRMKFRGVVAEVYAGDKPSKGYDKLRTLLDLMDRPKLGTTVDLCAGRGGWSQL
VGELEGPGDITAVSLWERGREEWMADPAIRRINANVKNVKPWRVDTLLFDGGETFKRDQNIMKEESYNDALLDAVDAWMM
QATPPTNFVIKIQVPYTQKAMRLIEKWQVKTKKGRLVRLAGDRLSNTVMYFISDRLETQIRGRITSFLRELRERRVDRSL
TSDPALQYERITPEWTAEAVIEGCAPLTPLNMTRSIAEMHMEYPPLGITRFFKELGYKIAKKKGSEGTRKNRFVGQLIEP
LRRVLERHHLFGAWQLTSTTPRAVFNMFRSKVDRAPVELHSHYPGLKKMYDILADLWLERYGSMKRLTEEEMASAINRRG
AMGYQMDNRNYGDLGAYWDSGDWRQDVNTFKRALLSGTPTHAVYNTTAKKEKTKNLTRQVNKGSRIIQYLPADARLYELK
VLGGLHKYLEKCGWSVAGQGLYKYGDRVKKSMDATGAAISEDVAGWDTKISKGLLTLESHMFTKLAEDEEMAREIHHLYR
LYADPHMVVQREIEGEVHDVLLRGRGQVSSGRQPTYAANTITNFITTTYGMAVTLGIPEADWPRLIRDLTDERGNRRLLV
SGDDKVLFLRGDEARVYASSAYRISNDMGLVRKDMALEQESEIIVDVKEISFCSHRYWPVKYGNEIHYMPVRDVGEIFAK
ATMALGVYKDDMTQEAWARVQGLNMLVNYHHIPECRMLALAILSVTRIGLNLKGITKGWMMSTEWLRDDLAPDTIHALIT
EGRTSGWDQLGYVDFKDRKGILLRPDTNYKNWRRDLPEKVRQLREDGQYKDWLQKMAVFGGSSSGTHHHHHH
;
_entity_poly.pdbx_strand_id   A
#
# COMPACT_ATOMS: atom_id res chain seq x y z
N GLU A 249 -26.34 17.61 11.69
CA GLU A 249 -26.60 19.03 11.89
C GLU A 249 -25.71 19.87 10.97
N ARG A 250 -26.24 21.02 10.55
CA ARG A 250 -25.63 21.82 9.49
C ARG A 250 -24.39 22.55 10.03
N ILE A 251 -23.21 22.14 9.57
CA ILE A 251 -21.94 22.65 10.08
C ILE A 251 -21.23 23.44 9.00
N THR A 252 -20.53 24.49 9.42
CA THR A 252 -19.67 25.27 8.53
C THR A 252 -18.25 25.17 9.05
N PRO A 253 -17.40 24.32 8.47
CA PRO A 253 -16.06 24.12 9.03
C PRO A 253 -15.22 25.39 8.95
N GLU A 254 -14.49 25.68 10.02
CA GLU A 254 -13.45 26.70 10.01
C GLU A 254 -12.12 25.97 10.17
N TRP A 255 -11.30 26.05 9.14
CA TRP A 255 -10.00 25.40 9.18
C TRP A 255 -9.04 26.27 9.98
N THR A 256 -8.05 25.63 10.58
CA THR A 256 -6.97 26.40 11.18
C THR A 256 -6.17 27.10 10.09
N ALA A 257 -5.35 28.05 10.51
CA ALA A 257 -4.33 28.60 9.63
C ALA A 257 -3.42 27.50 9.06
N GLU A 258 -2.79 27.82 7.93
CA GLU A 258 -1.83 26.93 7.28
C GLU A 258 -0.43 27.14 7.86
N ALA A 259 0.37 26.09 7.83
CA ALA A 259 1.77 26.26 8.16
C ALA A 259 2.47 26.99 7.03
N VAL A 260 3.38 27.88 7.39
CA VAL A 260 4.29 28.52 6.44
C VAL A 260 5.67 27.94 6.68
N ILE A 261 6.22 27.27 5.69
CA ILE A 261 7.45 26.52 5.84
C ILE A 261 8.53 27.25 5.07
N GLU A 262 9.55 27.71 5.79
CA GLU A 262 10.62 28.47 5.16
C GLU A 262 11.34 27.61 4.12
N GLY A 263 11.71 28.24 3.02
CA GLY A 263 12.49 27.57 2.00
C GLY A 263 11.72 26.66 1.07
N CYS A 264 10.39 26.55 1.20
CA CYS A 264 9.60 25.67 0.36
C CYS A 264 8.55 26.46 -0.44
N ALA A 265 8.34 26.05 -1.68
CA ALA A 265 7.28 26.65 -2.49
C ALA A 265 5.90 26.29 -1.94
N PRO A 266 5.06 27.27 -1.61
CA PRO A 266 3.72 26.93 -1.08
C PRO A 266 2.87 26.23 -2.11
N LEU A 267 2.01 25.33 -1.63
CA LEU A 267 1.11 24.53 -2.49
C LEU A 267 -0.23 25.25 -2.63
N THR A 268 -0.19 26.32 -3.40
CA THR A 268 -1.38 27.14 -3.63
C THR A 268 -2.46 26.32 -4.34
N PRO A 269 -3.72 26.42 -3.93
CA PRO A 269 -4.79 25.73 -4.66
C PRO A 269 -4.80 26.11 -6.13
N LEU A 270 -5.18 25.16 -6.98
CA LEU A 270 -5.38 25.43 -8.39
C LEU A 270 -6.76 26.08 -8.62
N ASN A 271 -6.99 26.52 -9.86
CA ASN A 271 -8.34 26.94 -10.26
C ASN A 271 -9.13 25.68 -10.57
N MET A 272 -10.05 25.31 -9.69
CA MET A 272 -10.81 24.08 -9.78
C MET A 272 -12.16 24.23 -10.49
N THR A 273 -12.45 25.41 -11.04
CA THR A 273 -13.78 25.63 -11.60
C THR A 273 -14.09 24.67 -12.73
N ARG A 274 -13.13 24.41 -13.62
CA ARG A 274 -13.38 23.50 -14.73
C ARG A 274 -13.59 22.08 -14.23
N SER A 275 -12.73 21.61 -13.34
CA SER A 275 -12.83 20.24 -12.84
C SER A 275 -14.08 20.05 -11.98
N ILE A 276 -14.48 21.08 -11.23
CA ILE A 276 -15.71 20.99 -10.46
C ILE A 276 -16.93 20.87 -11.39
N ALA A 277 -16.94 21.65 -12.47
CA ALA A 277 -18.08 21.64 -13.39
C ALA A 277 -18.25 20.29 -14.07
N GLU A 278 -17.15 19.54 -14.24
CA GLU A 278 -17.22 18.23 -14.87
C GLU A 278 -17.98 17.21 -14.04
N MET A 279 -18.29 17.51 -12.77
CA MET A 279 -19.00 16.55 -11.94
C MET A 279 -20.51 16.75 -11.96
N HIS A 280 -20.99 17.83 -12.58
CA HIS A 280 -22.42 18.02 -12.83
C HIS A 280 -23.23 18.01 -11.53
N MET A 281 -22.77 18.79 -10.57
CA MET A 281 -23.50 18.99 -9.33
C MET A 281 -24.82 19.73 -9.60
N GLU A 282 -25.86 19.37 -8.86
CA GLU A 282 -27.22 19.87 -9.09
C GLU A 282 -27.76 20.74 -7.98
N TYR A 283 -27.51 20.39 -6.72
CA TYR A 283 -28.12 21.09 -5.60
C TYR A 283 -27.08 21.76 -4.72
N PRO A 284 -27.46 22.83 -4.02
CA PRO A 284 -26.52 23.51 -3.12
C PRO A 284 -26.21 22.64 -1.93
N PRO A 285 -25.10 22.90 -1.24
CA PRO A 285 -24.60 21.92 -0.24
C PRO A 285 -25.45 21.87 1.02
N LEU A 286 -25.52 20.66 1.61
CA LEU A 286 -26.17 20.53 2.90
C LEU A 286 -25.24 20.87 4.06
N GLY A 287 -23.96 20.54 3.95
CA GLY A 287 -23.01 20.85 5.00
C GLY A 287 -23.22 20.12 6.32
N ILE A 288 -22.97 18.81 6.34
CA ILE A 288 -23.03 18.06 7.58
C ILE A 288 -21.68 17.46 7.96
N THR A 289 -20.59 17.89 7.32
CA THR A 289 -19.24 17.44 7.65
C THR A 289 -18.55 18.47 8.53
N ARG A 290 -17.63 17.98 9.39
CA ARG A 290 -16.93 18.84 10.34
C ARG A 290 -15.64 19.42 9.80
N PHE A 291 -15.01 18.79 8.81
CA PHE A 291 -13.76 19.28 8.24
C PHE A 291 -13.87 19.53 6.75
N PHE A 292 -14.32 18.54 5.99
CA PHE A 292 -14.55 18.72 4.56
C PHE A 292 -15.65 19.75 4.33
N LYS A 293 -15.43 20.60 3.34
CA LYS A 293 -16.40 21.62 2.94
C LYS A 293 -17.20 21.09 1.77
N GLU A 294 -18.51 20.94 1.96
CA GLU A 294 -19.39 20.49 0.90
C GLU A 294 -19.65 21.63 -0.08
N LEU A 295 -19.46 21.35 -1.37
CA LEU A 295 -19.68 22.32 -2.43
C LEU A 295 -21.03 22.17 -3.11
N GLY A 296 -21.56 20.96 -3.13
CA GLY A 296 -22.86 20.68 -3.73
C GLY A 296 -23.06 19.18 -3.78
N TYR A 297 -24.21 18.80 -4.35
CA TYR A 297 -24.47 17.38 -4.54
C TYR A 297 -25.41 17.19 -5.72
N LYS A 298 -25.50 15.95 -6.18
CA LYS A 298 -26.44 15.56 -7.23
C LYS A 298 -27.11 14.25 -6.84
N ILE A 299 -28.26 13.99 -7.45
CA ILE A 299 -28.89 12.70 -7.28
C ILE A 299 -28.07 11.69 -8.06
N ALA A 300 -27.85 10.51 -7.49
CA ALA A 300 -27.02 9.55 -8.21
C ALA A 300 -27.74 8.24 -8.46
N LYS A 301 -27.03 7.16 -8.14
CA LYS A 301 -27.46 5.79 -8.30
C LYS A 301 -26.55 4.96 -7.41
N LYS A 302 -27.14 4.06 -6.62
CA LYS A 302 -26.37 3.32 -5.63
C LYS A 302 -25.18 2.61 -6.26
N LYS A 303 -23.98 2.93 -5.79
CA LYS A 303 -22.76 2.37 -6.34
C LYS A 303 -22.46 1.03 -5.68
N ARG A 309 -17.29 -11.20 -7.40
CA ARG A 309 -17.40 -11.82 -6.10
C ARG A 309 -16.10 -12.54 -5.70
N LYS A 310 -16.27 -13.69 -5.06
CA LYS A 310 -15.15 -14.59 -4.85
C LYS A 310 -14.70 -15.17 -6.18
N ASN A 311 -13.39 -15.35 -6.34
CA ASN A 311 -12.88 -16.10 -7.47
C ASN A 311 -13.42 -17.52 -7.40
N ARG A 312 -13.96 -18.04 -8.52
CA ARG A 312 -14.67 -19.31 -8.44
C ARG A 312 -13.70 -20.47 -8.24
N PHE A 313 -12.47 -20.36 -8.72
CA PHE A 313 -11.52 -21.46 -8.58
C PHE A 313 -11.02 -21.56 -7.16
N VAL A 314 -10.49 -20.47 -6.60
CA VAL A 314 -10.00 -20.54 -5.23
C VAL A 314 -11.15 -20.77 -4.27
N GLY A 315 -12.28 -20.07 -4.49
CA GLY A 315 -13.40 -20.15 -3.58
C GLY A 315 -13.94 -21.55 -3.42
N GLN A 316 -14.11 -22.27 -4.53
CA GLN A 316 -14.62 -23.63 -4.44
C GLN A 316 -13.60 -24.57 -3.82
N LEU A 317 -12.30 -24.33 -4.03
CA LEU A 317 -11.29 -25.20 -3.46
C LEU A 317 -11.27 -25.14 -1.93
N ILE A 318 -11.55 -23.96 -1.35
CA ILE A 318 -11.49 -23.80 0.09
C ILE A 318 -12.86 -23.92 0.74
N GLU A 319 -13.92 -24.10 -0.03
CA GLU A 319 -15.27 -24.15 0.53
C GLU A 319 -15.42 -25.13 1.70
N PRO A 320 -14.89 -26.36 1.66
CA PRO A 320 -15.02 -27.23 2.83
C PRO A 320 -14.39 -26.66 4.10
N LEU A 321 -13.55 -25.63 3.99
CA LEU A 321 -12.90 -25.03 5.16
C LEU A 321 -13.54 -23.72 5.58
N ARG A 322 -14.50 -23.20 4.81
CA ARG A 322 -15.03 -21.87 5.08
C ARG A 322 -15.53 -21.74 6.52
N ARG A 323 -16.05 -22.82 7.09
CA ARG A 323 -16.64 -22.72 8.42
C ARG A 323 -15.58 -22.51 9.48
N VAL A 324 -14.56 -23.38 9.53
CA VAL A 324 -13.51 -23.20 10.52
C VAL A 324 -12.76 -21.90 10.30
N LEU A 325 -12.62 -21.47 9.04
CA LEU A 325 -11.92 -20.22 8.75
C LEU A 325 -12.70 -19.01 9.23
N GLU A 326 -14.03 -19.05 9.11
CA GLU A 326 -14.85 -17.95 9.62
C GLU A 326 -14.93 -17.97 11.14
N ARG A 327 -14.91 -19.16 11.75
CA ARG A 327 -15.07 -19.29 13.19
C ARG A 327 -13.77 -19.04 13.96
N HIS A 328 -12.69 -19.68 13.53
CA HIS A 328 -11.44 -19.70 14.25
C HIS A 328 -10.38 -18.78 13.66
N HIS A 329 -10.66 -18.16 12.53
CA HIS A 329 -9.68 -17.33 11.85
C HIS A 329 -10.42 -16.09 11.33
N LEU A 330 -9.75 -15.31 10.50
CA LEU A 330 -10.25 -14.01 10.08
C LEU A 330 -10.60 -13.99 8.60
N PHE A 331 -11.31 -15.02 8.13
CA PHE A 331 -11.76 -15.01 6.74
C PHE A 331 -12.82 -13.94 6.52
N GLY A 332 -13.84 -13.90 7.37
CA GLY A 332 -14.84 -12.85 7.35
C GLY A 332 -15.60 -12.71 6.05
N ALA A 333 -16.49 -13.66 5.75
CA ALA A 333 -17.35 -13.57 4.59
C ALA A 333 -18.65 -14.35 4.78
N THR A 337 -21.36 -8.33 1.23
CA THR A 337 -22.35 -7.46 0.57
C THR A 337 -21.72 -6.13 0.19
N SER A 338 -22.42 -5.34 -0.63
CA SER A 338 -21.99 -3.99 -0.97
C SER A 338 -22.39 -3.02 0.13
N THR A 339 -21.50 -2.09 0.46
CA THR A 339 -21.81 -1.09 1.46
C THR A 339 -22.85 -0.13 0.93
N THR A 340 -23.88 0.12 1.73
CA THR A 340 -24.93 1.08 1.38
C THR A 340 -24.37 2.49 1.36
N PRO A 341 -25.03 3.42 0.64
CA PRO A 341 -24.57 4.82 0.69
C PRO A 341 -24.58 5.41 2.09
N ARG A 342 -25.59 5.05 2.89
CA ARG A 342 -25.61 5.46 4.28
CA ARG A 342 -25.61 5.47 4.28
C ARG A 342 -24.35 5.03 5.01
N ALA A 343 -23.96 3.76 4.88
CA ALA A 343 -22.75 3.30 5.57
C ALA A 343 -21.49 3.90 4.97
N VAL A 344 -21.46 4.11 3.65
CA VAL A 344 -20.32 4.77 3.01
C VAL A 344 -20.09 6.14 3.62
N PHE A 345 -21.15 6.96 3.68
CA PHE A 345 -20.99 8.31 4.22
C PHE A 345 -20.67 8.29 5.71
N ASN A 346 -21.22 7.31 6.43
CA ASN A 346 -20.89 7.20 7.85
C ASN A 346 -19.40 6.88 8.06
N MET A 347 -18.83 6.05 7.20
CA MET A 347 -17.42 5.73 7.40
C MET A 347 -16.52 6.83 6.89
N PHE A 348 -16.95 7.59 5.88
CA PHE A 348 -16.23 8.80 5.50
C PHE A 348 -16.20 9.81 6.65
N ARG A 349 -17.35 10.06 7.28
N ARG A 349 -17.34 10.04 7.30
CA ARG A 349 -17.43 10.99 8.40
CA ARG A 349 -17.37 11.01 8.38
C ARG A 349 -16.55 10.53 9.57
C ARG A 349 -16.57 10.53 9.59
N SER A 350 -16.57 9.22 9.85
CA SER A 350 -15.91 8.73 11.04
C SER A 350 -14.39 8.74 10.87
N LYS A 351 -13.89 8.31 9.71
CA LYS A 351 -12.47 8.09 9.49
C LYS A 351 -11.79 9.19 8.68
N VAL A 352 -12.42 9.73 7.65
CA VAL A 352 -11.76 10.68 6.75
C VAL A 352 -12.01 12.13 7.17
N ASP A 353 -13.22 12.44 7.66
CA ASP A 353 -13.63 13.82 7.92
C ASP A 353 -13.03 14.35 9.23
N ARG A 354 -11.69 14.39 9.27
CA ARG A 354 -10.93 14.81 10.45
C ARG A 354 -9.77 15.68 10.01
N ALA A 355 -9.67 16.87 10.59
CA ALA A 355 -8.67 17.84 10.17
C ALA A 355 -7.26 17.34 10.50
N PRO A 356 -6.34 17.31 9.54
CA PRO A 356 -4.92 17.10 9.88
C PRO A 356 -4.41 18.21 10.78
N VAL A 357 -3.39 17.90 11.57
CA VAL A 357 -2.76 18.91 12.42
C VAL A 357 -1.71 19.63 11.56
N GLU A 358 -2.02 20.87 11.18
CA GLU A 358 -1.11 21.59 10.30
C GLU A 358 -0.01 22.32 11.06
N LEU A 359 -0.30 22.79 12.27
CA LEU A 359 0.57 23.73 12.98
C LEU A 359 1.35 22.99 14.07
N HIS A 360 2.67 22.92 13.89
CA HIS A 360 3.56 22.39 14.91
C HIS A 360 4.95 22.93 14.64
N SER A 361 5.91 22.58 15.50
CA SER A 361 7.23 23.17 15.48
CA SER A 361 7.23 23.19 15.44
C SER A 361 8.27 22.33 14.73
N HIS A 362 7.86 21.25 14.06
CA HIS A 362 8.83 20.30 13.53
C HIS A 362 9.19 20.44 12.06
N TYR A 363 8.58 21.37 11.31
CA TYR A 363 8.88 21.44 9.88
C TYR A 363 10.34 21.77 9.57
N PRO A 364 11.00 22.73 10.23
CA PRO A 364 12.40 23.00 9.89
C PRO A 364 13.31 21.79 10.01
N GLY A 365 13.18 21.01 11.08
CA GLY A 365 13.96 19.78 11.20
C GLY A 365 13.57 18.71 10.19
N LEU A 366 12.27 18.55 9.93
CA LEU A 366 11.85 17.62 8.89
C LEU A 366 12.41 18.02 7.53
N LYS A 367 12.33 19.31 7.19
CA LYS A 367 12.88 19.76 5.92
C LYS A 367 14.35 19.42 5.79
N LYS A 368 15.12 19.70 6.85
CA LYS A 368 16.53 19.34 6.85
C LYS A 368 16.72 17.89 6.46
N MET A 369 15.86 17.01 6.98
CA MET A 369 16.09 15.59 6.69
C MET A 369 15.60 15.21 5.30
N TYR A 370 14.49 15.80 4.84
CA TYR A 370 14.12 15.63 3.43
C TYR A 370 15.26 16.10 2.51
N ASP A 371 15.88 17.24 2.82
CA ASP A 371 16.96 17.78 2.00
C ASP A 371 18.18 16.85 2.00
N ILE A 372 18.50 16.28 3.16
CA ILE A 372 19.63 15.37 3.26
C ILE A 372 19.39 14.15 2.40
N LEU A 373 18.19 13.56 2.48
CA LEU A 373 17.91 12.37 1.69
C LEU A 373 17.95 12.69 0.20
N ALA A 374 17.38 13.83 -0.20
CA ALA A 374 17.40 14.21 -1.61
C ALA A 374 18.82 14.40 -2.12
N ASP A 375 19.68 15.04 -1.32
CA ASP A 375 21.07 15.24 -1.74
C ASP A 375 21.83 13.92 -1.82
N LEU A 376 21.54 12.99 -0.90
CA LEU A 376 22.17 11.67 -0.98
C LEU A 376 21.75 10.91 -2.23
N TRP A 377 20.44 10.93 -2.54
CA TRP A 377 19.98 10.21 -3.72
C TRP A 377 20.55 10.82 -4.99
N LEU A 378 20.55 12.15 -5.09
CA LEU A 378 21.12 12.82 -6.25
C LEU A 378 22.61 12.52 -6.39
N GLU A 379 23.36 12.58 -5.28
CA GLU A 379 24.80 12.31 -5.33
C GLU A 379 25.09 10.88 -5.80
N ARG A 380 24.36 9.91 -5.26
CA ARG A 380 24.65 8.53 -5.62
C ARG A 380 23.98 8.09 -6.91
N TYR A 381 22.76 8.54 -7.19
CA TYR A 381 21.96 7.92 -8.25
C TYR A 381 21.53 8.87 -9.35
N GLY A 382 21.70 10.17 -9.17
CA GLY A 382 21.29 11.10 -10.19
C GLY A 382 19.83 11.46 -10.07
N SER A 383 19.39 12.27 -11.02
CA SER A 383 18.05 12.80 -10.97
C SER A 383 17.05 11.81 -11.57
N MET A 384 15.77 12.17 -11.47
CA MET A 384 14.67 11.24 -11.69
C MET A 384 13.98 11.56 -13.01
N LYS A 385 13.93 10.59 -13.90
CA LYS A 385 13.23 10.74 -15.16
C LYS A 385 11.77 10.36 -15.04
N ARG A 386 10.95 10.95 -15.92
CA ARG A 386 9.60 10.45 -16.12
C ARG A 386 9.68 9.00 -16.60
N LEU A 387 8.67 8.21 -16.23
CA LEU A 387 8.64 6.81 -16.65
C LEU A 387 8.50 6.72 -18.17
N THR A 388 9.09 5.68 -18.74
CA THR A 388 8.82 5.35 -20.14
C THR A 388 7.48 4.63 -20.26
N GLU A 389 6.99 4.55 -21.50
CA GLU A 389 5.79 3.78 -21.76
C GLU A 389 5.95 2.33 -21.32
N GLU A 390 7.12 1.75 -21.56
CA GLU A 390 7.34 0.36 -21.17
C GLU A 390 7.30 0.20 -19.66
N GLU A 391 7.90 1.14 -18.93
CA GLU A 391 7.83 1.12 -17.48
C GLU A 391 6.39 1.31 -17.02
N MET A 392 5.64 2.19 -17.68
CA MET A 392 4.26 2.44 -17.29
C MET A 392 3.42 1.18 -17.51
N ALA A 393 3.67 0.46 -18.61
CA ALA A 393 2.91 -0.75 -18.89
C ALA A 393 3.14 -1.79 -17.81
N SER A 394 4.33 -1.84 -17.22
CA SER A 394 4.62 -2.81 -16.18
C SER A 394 3.91 -2.49 -14.86
N ALA A 395 3.54 -1.24 -14.64
CA ALA A 395 3.04 -0.80 -13.33
C ALA A 395 1.53 -0.64 -13.27
N ILE A 396 0.83 -0.61 -14.39
CA ILE A 396 -0.60 -0.32 -14.35
C ILE A 396 -1.36 -1.54 -13.84
N ASN A 397 -2.42 -1.25 -13.08
CA ASN A 397 -3.44 -2.25 -12.76
C ASN A 397 -4.45 -2.23 -13.90
N ARG A 398 -4.44 -3.27 -14.74
CA ARG A 398 -5.30 -3.28 -15.91
C ARG A 398 -6.78 -3.28 -15.54
N ARG A 399 -7.13 -3.67 -14.31
CA ARG A 399 -8.52 -3.74 -13.86
C ARG A 399 -8.99 -2.45 -13.19
N GLY A 400 -8.21 -1.39 -13.20
CA GLY A 400 -8.60 -0.17 -12.52
C GLY A 400 -9.76 0.53 -13.20
N ALA A 401 -10.57 1.22 -12.39
CA ALA A 401 -11.75 1.90 -12.90
C ALA A 401 -11.35 3.17 -13.66
N MET A 402 -12.28 3.63 -14.49
CA MET A 402 -12.03 4.77 -15.37
C MET A 402 -12.31 6.11 -14.73
N GLY A 403 -13.27 6.17 -13.80
CA GLY A 403 -13.67 7.45 -13.25
C GLY A 403 -14.87 8.03 -13.98
N TYR A 404 -15.71 8.74 -13.21
CA TYR A 404 -16.92 9.34 -13.76
C TYR A 404 -16.63 10.23 -14.97
N GLN A 405 -15.55 11.02 -14.90
CA GLN A 405 -15.21 11.93 -15.98
C GLN A 405 -14.82 11.21 -17.27
N MET A 406 -14.55 9.90 -17.21
CA MET A 406 -14.14 9.11 -18.35
C MET A 406 -15.12 8.00 -18.69
N ASP A 407 -16.24 7.88 -17.97
CA ASP A 407 -17.14 6.74 -18.15
C ASP A 407 -17.81 6.76 -19.52
N ASN A 408 -18.10 7.94 -20.05
CA ASN A 408 -18.79 8.06 -21.34
C ASN A 408 -17.87 7.78 -22.53
N ARG A 409 -16.65 7.30 -22.31
CA ARG A 409 -15.81 6.82 -23.40
C ARG A 409 -15.88 5.31 -23.57
N ASN A 410 -16.54 4.60 -22.66
CA ASN A 410 -16.80 3.17 -22.77
C ASN A 410 -15.53 2.35 -23.04
N TYR A 411 -14.61 2.39 -22.09
CA TYR A 411 -13.42 1.54 -22.13
C TYR A 411 -13.52 0.34 -21.20
N GLY A 412 -14.41 0.37 -20.23
CA GLY A 412 -14.51 -0.76 -19.33
C GLY A 412 -13.52 -0.64 -18.19
N ASP A 413 -12.24 -0.80 -18.48
CA ASP A 413 -11.21 -0.79 -17.44
C ASP A 413 -9.94 -0.12 -17.95
N LEU A 414 -8.98 0.07 -17.03
CA LEU A 414 -7.71 0.70 -17.38
C LEU A 414 -6.99 -0.09 -18.47
N GLY A 415 -6.96 -1.42 -18.35
CA GLY A 415 -6.24 -2.23 -19.32
C GLY A 415 -6.73 -2.01 -20.73
N ALA A 416 -8.05 -1.99 -20.93
CA ALA A 416 -8.60 -1.69 -22.25
C ALA A 416 -8.24 -0.28 -22.69
N TYR A 417 -8.39 0.69 -21.78
CA TYR A 417 -8.00 2.06 -22.10
C TYR A 417 -6.53 2.12 -22.51
N TRP A 418 -5.67 1.45 -21.75
CA TRP A 418 -4.23 1.46 -22.05
C TRP A 418 -3.96 0.89 -23.43
N ASP A 419 -4.53 -0.28 -23.73
CA ASP A 419 -4.25 -0.95 -25.00
C ASP A 419 -4.66 -0.11 -26.21
N SER A 420 -5.72 0.70 -26.06
CA SER A 420 -6.25 1.52 -27.16
C SER A 420 -5.30 2.61 -27.62
N GLY A 421 -4.33 2.98 -26.80
CA GLY A 421 -3.41 4.06 -27.14
C GLY A 421 -3.97 5.45 -27.07
N ASP A 422 -5.28 5.61 -26.83
CA ASP A 422 -5.90 6.92 -26.72
C ASP A 422 -5.34 7.73 -25.56
N TRP A 423 -4.85 7.05 -24.52
CA TRP A 423 -4.31 7.73 -23.35
C TRP A 423 -3.13 8.63 -23.69
N ARG A 424 -2.43 8.36 -24.80
CA ARG A 424 -1.26 9.17 -25.14
C ARG A 424 -1.64 10.63 -25.30
N GLN A 425 -2.71 10.88 -26.07
CA GLN A 425 -3.16 12.26 -26.23
C GLN A 425 -3.81 12.79 -24.95
N ASP A 426 -4.55 11.94 -24.23
CA ASP A 426 -5.24 12.40 -23.03
C ASP A 426 -4.25 12.83 -21.94
N VAL A 427 -3.15 12.10 -21.79
CA VAL A 427 -2.16 12.43 -20.77
C VAL A 427 -1.53 13.79 -21.07
N ASN A 428 -1.30 14.09 -22.36
CA ASN A 428 -0.77 15.39 -22.73
C ASN A 428 -1.80 16.49 -22.51
N THR A 429 -3.07 16.18 -22.78
CA THR A 429 -4.13 17.14 -22.49
C THR A 429 -4.23 17.41 -21.00
N PHE A 430 -4.15 16.36 -20.19
CA PHE A 430 -4.14 16.55 -18.74
C PHE A 430 -2.97 17.42 -18.31
N LYS A 431 -1.78 17.12 -18.81
CA LYS A 431 -0.59 17.88 -18.45
C LYS A 431 -0.77 19.37 -18.76
N ARG A 432 -1.22 19.69 -19.98
CA ARG A 432 -1.29 21.08 -20.39
C ARG A 432 -2.30 21.85 -19.55
N ALA A 433 -3.47 21.26 -19.32
CA ALA A 433 -4.46 21.92 -18.47
C ALA A 433 -3.92 22.08 -17.06
N LEU A 434 -3.24 21.06 -16.54
CA LEU A 434 -2.70 21.15 -15.19
C LEU A 434 -1.72 22.31 -15.08
N LEU A 435 -0.75 22.37 -16.01
CA LEU A 435 0.26 23.42 -15.96
C LEU A 435 -0.33 24.80 -16.20
N SER A 436 -1.52 24.89 -16.83
CA SER A 436 -2.17 26.18 -16.98
C SER A 436 -2.69 26.73 -15.65
N GLY A 437 -2.82 25.89 -14.63
CA GLY A 437 -3.43 26.31 -13.39
C GLY A 437 -4.91 25.99 -13.27
N THR A 438 -5.52 25.50 -14.34
CA THR A 438 -6.95 25.14 -14.36
C THR A 438 -7.07 23.71 -14.89
N PRO A 439 -6.86 22.71 -14.05
CA PRO A 439 -6.81 21.33 -14.52
C PRO A 439 -8.16 20.85 -15.02
N THR A 440 -8.11 19.79 -15.81
CA THR A 440 -9.27 18.96 -16.12
C THR A 440 -9.11 17.63 -15.40
N HIS A 441 -10.24 16.98 -15.11
CA HIS A 441 -10.23 15.63 -14.57
C HIS A 441 -9.44 15.54 -13.26
N ALA A 442 -9.55 16.58 -12.44
CA ALA A 442 -8.82 16.69 -11.17
C ALA A 442 -9.65 16.37 -9.94
N VAL A 443 -10.92 15.98 -10.09
CA VAL A 443 -11.75 15.66 -8.92
C VAL A 443 -11.69 14.16 -8.68
N TYR A 444 -11.46 13.77 -7.42
CA TYR A 444 -11.36 12.37 -7.07
C TYR A 444 -12.72 11.70 -7.10
N ASN A 445 -12.75 10.48 -7.63
CA ASN A 445 -13.84 9.53 -7.41
C ASN A 445 -13.54 8.66 -6.19
N THR A 446 -14.59 8.08 -5.62
CA THR A 446 -14.43 7.21 -4.46
C THR A 446 -15.26 5.95 -4.61
N THR A 447 -14.79 4.90 -3.97
CA THR A 447 -15.53 3.67 -3.84
C THR A 447 -15.21 3.10 -2.46
N ALA A 448 -16.11 2.28 -1.94
CA ALA A 448 -15.95 1.68 -0.62
C ALA A 448 -15.64 0.20 -0.78
N LYS A 449 -14.70 -0.29 0.03
CA LYS A 449 -14.31 -1.69 0.01
C LYS A 449 -14.59 -2.35 1.35
N ARG A 465 -12.78 0.28 3.90
CA ARG A 465 -12.37 1.67 3.82
C ARG A 465 -12.79 2.31 2.49
N ILE A 466 -12.46 3.58 2.31
CA ILE A 466 -12.86 4.36 1.16
C ILE A 466 -11.64 4.57 0.26
N ILE A 467 -11.73 4.10 -0.99
CA ILE A 467 -10.67 4.31 -1.96
C ILE A 467 -10.95 5.59 -2.74
N GLN A 468 -9.96 6.46 -2.85
CA GLN A 468 -10.06 7.66 -3.66
C GLN A 468 -9.19 7.51 -4.89
N TYR A 469 -9.67 7.98 -6.04
CA TYR A 469 -8.88 7.86 -7.26
C TYR A 469 -9.29 8.90 -8.28
N LEU A 470 -8.29 9.45 -8.98
CA LEU A 470 -8.53 10.36 -10.08
C LEU A 470 -8.97 9.55 -11.30
N PRO A 471 -9.50 10.21 -12.34
CA PRO A 471 -9.82 9.49 -13.58
C PRO A 471 -8.57 8.84 -14.18
N ALA A 472 -8.82 7.92 -15.11
CA ALA A 472 -7.74 7.06 -15.60
C ALA A 472 -6.65 7.87 -16.31
N ASP A 473 -7.01 8.94 -17.02
CA ASP A 473 -5.97 9.70 -17.70
C ASP A 473 -5.08 10.40 -16.69
N ALA A 474 -5.67 11.02 -15.66
CA ALA A 474 -4.89 11.62 -14.59
C ALA A 474 -4.00 10.59 -13.90
N ARG A 475 -4.52 9.38 -13.67
CA ARG A 475 -3.73 8.38 -12.97
C ARG A 475 -2.52 7.95 -13.78
N LEU A 476 -2.67 7.85 -15.11
CA LEU A 476 -1.52 7.50 -15.93
C LEU A 476 -0.46 8.60 -15.90
N TYR A 477 -0.90 9.86 -15.86
CA TYR A 477 0.03 10.98 -15.79
C TYR A 477 0.81 10.97 -14.48
N GLU A 478 0.11 10.85 -13.34
CA GLU A 478 0.76 10.68 -12.04
C GLU A 478 1.86 9.64 -12.09
N LEU A 479 1.50 8.43 -12.54
CA LEU A 479 2.46 7.36 -12.65
C LEU A 479 3.69 7.79 -13.46
N LYS A 480 3.44 8.43 -14.61
CA LYS A 480 4.55 8.81 -15.48
C LYS A 480 5.49 9.79 -14.79
N VAL A 481 4.95 10.76 -14.07
CA VAL A 481 5.77 11.83 -13.51
C VAL A 481 6.47 11.38 -12.22
N LEU A 482 5.74 10.71 -11.33
CA LEU A 482 6.26 10.38 -10.00
C LEU A 482 6.61 8.91 -9.84
N GLY A 483 6.42 8.08 -10.86
CA GLY A 483 6.64 6.65 -10.70
C GLY A 483 8.09 6.25 -10.51
N GLY A 484 9.04 7.14 -10.84
CA GLY A 484 10.44 6.80 -10.66
C GLY A 484 10.87 6.76 -9.20
N LEU A 485 10.07 7.30 -8.28
CA LEU A 485 10.48 7.34 -6.88
C LEU A 485 10.79 5.93 -6.37
N HIS A 486 10.07 4.94 -6.88
N HIS A 486 10.08 4.93 -6.88
CA HIS A 486 10.31 3.55 -6.51
CA HIS A 486 10.33 3.56 -6.48
C HIS A 486 11.76 3.14 -6.79
C HIS A 486 11.76 3.13 -6.80
N LYS A 487 12.37 3.70 -7.84
CA LYS A 487 13.73 3.30 -8.20
C LYS A 487 14.76 3.73 -7.15
N TYR A 488 14.55 4.88 -6.52
CA TYR A 488 15.43 5.25 -5.41
C TYR A 488 15.22 4.32 -4.22
N LEU A 489 13.96 4.04 -3.87
CA LEU A 489 13.66 3.17 -2.74
C LEU A 489 14.31 1.80 -2.89
N GLU A 490 14.43 1.28 -4.12
CA GLU A 490 15.07 -0.02 -4.30
C GLU A 490 16.53 -0.01 -3.86
N LYS A 491 17.16 1.15 -3.80
CA LYS A 491 18.54 1.27 -3.36
C LYS A 491 18.67 1.47 -1.84
N CYS A 492 17.57 1.56 -1.10
CA CYS A 492 17.62 1.96 0.28
C CYS A 492 17.53 0.75 1.21
N GLY A 493 18.48 0.64 2.14
CA GLY A 493 18.45 -0.44 3.10
C GLY A 493 17.29 -0.37 4.08
N TRP A 494 16.61 0.77 4.17
CA TRP A 494 15.42 0.89 5.02
C TRP A 494 14.12 0.62 4.28
N SER A 495 14.19 0.26 3.01
CA SER A 495 13.01 0.02 2.19
C SER A 495 13.01 -1.42 1.69
N VAL A 496 11.81 -1.98 1.50
CA VAL A 496 11.66 -3.27 0.86
C VAL A 496 11.07 -3.15 -0.54
N ALA A 497 11.10 -1.94 -1.12
CA ALA A 497 10.56 -1.74 -2.46
C ALA A 497 11.21 -2.71 -3.45
N GLY A 498 10.39 -3.30 -4.30
CA GLY A 498 10.87 -4.23 -5.30
C GLY A 498 11.23 -5.61 -4.80
N GLN A 499 11.20 -5.84 -3.48
CA GLN A 499 11.57 -7.13 -2.90
C GLN A 499 10.32 -7.91 -2.51
N GLY A 500 10.37 -9.23 -2.70
CA GLY A 500 9.26 -10.07 -2.35
C GLY A 500 9.17 -10.34 -0.86
N LEU A 501 7.95 -10.68 -0.43
CA LEU A 501 7.69 -10.91 0.99
C LEU A 501 8.59 -11.99 1.58
N TYR A 502 9.02 -12.97 0.78
CA TYR A 502 9.88 -14.04 1.29
C TYR A 502 11.25 -13.53 1.73
N LYS A 503 11.64 -12.31 1.33
CA LYS A 503 12.90 -11.72 1.79
C LYS A 503 12.77 -10.93 3.10
N TYR A 504 11.54 -10.61 3.55
CA TYR A 504 11.39 -9.61 4.63
C TYR A 504 11.87 -10.16 5.97
N GLY A 505 11.54 -11.42 6.27
CA GLY A 505 11.94 -12.00 7.55
C GLY A 505 13.45 -11.95 7.77
N ASP A 506 14.23 -12.30 6.75
CA ASP A 506 15.69 -12.24 6.92
C ASP A 506 16.17 -10.80 7.14
N ARG A 507 15.53 -9.82 6.48
CA ARG A 507 15.86 -8.42 6.73
C ARG A 507 15.53 -8.02 8.16
N VAL A 508 14.36 -8.43 8.66
CA VAL A 508 13.99 -8.18 10.04
C VAL A 508 15.02 -8.81 10.98
N LYS A 509 15.39 -10.07 10.73
CA LYS A 509 16.38 -10.76 11.56
C LYS A 509 17.74 -10.06 11.53
N LYS A 510 18.21 -9.70 10.34
CA LYS A 510 19.49 -9.00 10.20
C LYS A 510 19.47 -7.69 10.98
N SER A 511 18.39 -6.91 10.85
CA SER A 511 18.29 -5.64 11.56
C SER A 511 18.30 -5.86 13.08
N MET A 512 17.61 -6.91 13.55
CA MET A 512 17.55 -7.20 14.98
C MET A 512 18.90 -7.65 15.53
N ASP A 513 19.63 -8.46 14.77
CA ASP A 513 20.95 -8.95 15.19
C ASP A 513 21.93 -7.80 15.40
N ALA A 514 21.77 -6.70 14.67
CA ALA A 514 22.70 -5.57 14.82
C ALA A 514 22.29 -4.58 15.89
N THR A 515 21.14 -4.80 16.53
CA THR A 515 20.57 -3.81 17.44
C THR A 515 20.13 -4.49 18.73
N GLY A 516 19.04 -5.25 18.68
CA GLY A 516 18.61 -6.05 19.82
C GLY A 516 17.24 -5.68 20.36
N ALA A 517 16.64 -4.60 19.90
CA ALA A 517 15.34 -4.16 20.39
C ALA A 517 14.61 -3.50 19.22
N ALA A 518 13.31 -3.70 19.17
CA ALA A 518 12.51 -3.20 18.08
C ALA A 518 11.28 -2.50 18.62
N ILE A 519 10.85 -1.47 17.90
CA ILE A 519 9.61 -0.79 18.21
C ILE A 519 8.80 -0.72 16.92
N SER A 520 7.59 -1.26 16.94
CA SER A 520 6.77 -1.45 15.75
C SER A 520 5.37 -0.93 16.06
N GLU A 521 5.12 0.33 15.73
CA GLU A 521 3.87 1.01 16.08
C GLU A 521 3.17 1.44 14.81
N ASP A 522 1.87 1.22 14.75
CA ASP A 522 1.05 1.69 13.64
C ASP A 522 0.36 3.00 14.03
N VAL A 523 0.15 3.84 13.03
CA VAL A 523 -0.65 5.05 13.16
C VAL A 523 -2.06 4.74 12.68
N ALA A 524 -3.05 5.20 13.43
CA ALA A 524 -4.44 4.98 13.03
C ALA A 524 -4.77 5.91 11.86
N GLY A 525 -5.17 5.33 10.73
CA GLY A 525 -5.56 6.13 9.57
C GLY A 525 -4.45 7.07 9.10
N TRP A 526 -3.29 6.50 8.81
CA TRP A 526 -2.12 7.29 8.43
C TRP A 526 -2.46 8.30 7.33
N ASP A 527 -3.16 7.83 6.29
CA ASP A 527 -3.48 8.66 5.13
C ASP A 527 -4.27 9.91 5.53
N THR A 528 -5.22 9.76 6.45
CA THR A 528 -6.06 10.89 6.85
C THR A 528 -5.32 11.92 7.70
N LYS A 529 -4.12 11.59 8.19
CA LYS A 529 -3.41 12.45 9.11
C LYS A 529 -2.27 13.22 8.46
N ILE A 530 -1.89 12.89 7.24
CA ILE A 530 -0.82 13.62 6.59
C ILE A 530 -1.28 15.03 6.28
N SER A 531 -0.49 16.01 6.70
CA SER A 531 -0.87 17.41 6.58
C SER A 531 -0.45 18.00 5.24
N LYS A 532 -1.08 19.13 4.87
CA LYS A 532 -0.59 19.93 3.75
C LYS A 532 0.86 20.35 3.97
N GLY A 533 1.23 20.62 5.23
CA GLY A 533 2.62 20.92 5.53
C GLY A 533 3.55 19.79 5.16
N LEU A 534 3.22 18.57 5.55
CA LEU A 534 4.00 17.43 5.11
C LEU A 534 3.98 17.29 3.59
N LEU A 535 2.82 17.51 2.95
CA LEU A 535 2.78 17.44 1.49
C LEU A 535 3.68 18.51 0.86
N THR A 536 3.74 19.70 1.48
CA THR A 536 4.63 20.75 0.96
C THR A 536 6.08 20.28 0.99
N LEU A 537 6.47 19.57 2.05
CA LEU A 537 7.82 19.03 2.12
C LEU A 537 8.07 17.96 1.07
N GLU A 538 7.14 17.00 0.93
CA GLU A 538 7.24 16.00 -0.14
C GLU A 538 7.49 16.67 -1.50
N SER A 539 6.62 17.61 -1.87
CA SER A 539 6.79 18.31 -3.14
C SER A 539 8.16 18.96 -3.24
N HIS A 540 8.57 19.66 -2.19
CA HIS A 540 9.89 20.29 -2.19
C HIS A 540 10.98 19.29 -2.52
N MET A 541 10.97 18.14 -1.84
CA MET A 541 11.98 17.13 -2.08
C MET A 541 11.89 16.59 -3.51
N PHE A 542 10.68 16.25 -3.96
CA PHE A 542 10.55 15.61 -5.27
C PHE A 542 10.91 16.57 -6.42
N THR A 543 10.61 17.86 -6.29
CA THR A 543 11.07 18.80 -7.32
C THR A 543 12.59 18.84 -7.38
N LYS A 544 13.26 18.72 -6.23
CA LYS A 544 14.72 18.63 -6.20
C LYS A 544 15.21 17.47 -7.05
N LEU A 545 14.50 16.34 -7.04
CA LEU A 545 14.94 15.15 -7.77
C LEU A 545 14.64 15.21 -9.27
N ALA A 546 13.75 16.10 -9.69
CA ALA A 546 13.24 16.07 -11.07
C ALA A 546 14.36 16.31 -12.09
N GLU A 547 14.18 15.72 -13.28
CA GLU A 547 15.25 15.72 -14.30
C GLU A 547 15.41 17.05 -15.02
N ASP A 548 14.35 17.85 -15.11
CA ASP A 548 14.42 19.14 -15.76
C ASP A 548 13.40 20.06 -15.10
N GLU A 549 13.44 21.34 -15.48
CA GLU A 549 12.60 22.33 -14.84
C GLU A 549 11.12 22.09 -15.13
N GLU A 550 10.78 21.61 -16.32
CA GLU A 550 9.37 21.37 -16.60
C GLU A 550 8.84 20.28 -15.69
N MET A 551 9.63 19.22 -15.47
CA MET A 551 9.24 18.14 -14.59
C MET A 551 9.01 18.64 -13.16
N ALA A 552 9.89 19.51 -12.67
CA ALA A 552 9.70 20.10 -11.36
C ALA A 552 8.38 20.86 -11.29
N ARG A 553 8.06 21.62 -12.34
CA ARG A 553 6.79 22.33 -12.37
C ARG A 553 5.62 21.35 -12.36
N GLU A 554 5.77 20.23 -13.07
CA GLU A 554 4.70 19.22 -13.12
C GLU A 554 4.48 18.60 -11.74
N ILE A 555 5.56 18.22 -11.08
CA ILE A 555 5.48 17.68 -9.73
C ILE A 555 4.84 18.70 -8.79
N HIS A 556 5.32 19.95 -8.84
CA HIS A 556 4.75 20.98 -7.99
C HIS A 556 3.26 21.16 -8.25
N HIS A 557 2.86 21.11 -9.53
CA HIS A 557 1.44 21.30 -9.83
C HIS A 557 0.60 20.10 -9.40
N LEU A 558 1.14 18.88 -9.53
CA LEU A 558 0.43 17.72 -8.99
C LEU A 558 0.20 17.88 -7.49
N TYR A 559 1.17 18.41 -6.76
CA TYR A 559 1.01 18.57 -5.31
C TYR A 559 0.07 19.72 -4.97
N ARG A 560 -0.04 20.71 -5.86
CA ARG A 560 -1.08 21.73 -5.67
C ARG A 560 -2.46 21.10 -5.74
N LEU A 561 -2.63 20.13 -6.64
CA LEU A 561 -3.84 19.31 -6.65
C LEU A 561 -3.97 18.47 -5.36
N TYR A 562 -2.93 17.68 -5.03
CA TYR A 562 -2.99 16.78 -3.87
C TYR A 562 -3.35 17.50 -2.57
N ALA A 563 -2.76 18.67 -2.33
CA ALA A 563 -2.99 19.37 -1.07
C ALA A 563 -4.37 20.03 -0.98
N ASP A 564 -5.14 20.03 -2.07
CA ASP A 564 -6.45 20.70 -2.11
C ASP A 564 -7.49 19.72 -2.66
N PRO A 565 -7.63 18.54 -2.03
CA PRO A 565 -8.36 17.44 -2.69
C PRO A 565 -9.85 17.72 -2.73
N HIS A 566 -10.43 17.54 -3.93
CA HIS A 566 -11.86 17.57 -4.14
C HIS A 566 -12.31 16.16 -4.47
N MET A 567 -13.41 15.72 -3.87
CA MET A 567 -13.81 14.33 -4.05
C MET A 567 -15.33 14.20 -3.97
N VAL A 568 -15.84 13.17 -4.64
CA VAL A 568 -17.26 12.85 -4.67
C VAL A 568 -17.49 11.59 -3.85
N VAL A 569 -18.34 11.71 -2.83
CA VAL A 569 -18.65 10.63 -1.91
C VAL A 569 -20.16 10.45 -1.85
N GLN A 570 -20.61 9.20 -1.78
CA GLN A 570 -22.04 8.92 -1.73
C GLN A 570 -22.60 9.06 -0.32
N ARG A 571 -23.90 9.34 -0.28
CA ARG A 571 -24.67 9.36 0.96
C ARG A 571 -26.13 9.15 0.59
N GLU A 572 -26.95 8.94 1.62
CA GLU A 572 -28.37 8.73 1.39
C GLU A 572 -29.14 9.38 2.53
N ILE A 573 -30.13 10.20 2.18
CA ILE A 573 -30.96 10.91 3.13
C ILE A 573 -32.40 10.80 2.66
N GLU A 574 -33.28 10.30 3.54
CA GLU A 574 -34.70 10.11 3.23
C GLU A 574 -34.93 9.19 2.03
N GLY A 575 -34.01 8.25 1.78
CA GLY A 575 -34.15 7.38 0.63
C GLY A 575 -33.56 7.91 -0.66
N GLU A 576 -33.15 9.17 -0.70
CA GLU A 576 -32.49 9.77 -1.85
C GLU A 576 -30.98 9.50 -1.78
N VAL A 577 -30.42 8.95 -2.83
CA VAL A 577 -28.98 8.71 -2.90
C VAL A 577 -28.32 9.94 -3.51
N HIS A 578 -27.32 10.49 -2.82
CA HIS A 578 -26.56 11.66 -3.29
C HIS A 578 -25.15 11.29 -3.71
N ASP A 579 -24.65 12.00 -4.71
CA ASP A 579 -23.22 12.07 -4.99
C ASP A 579 -22.80 13.46 -4.51
N VAL A 580 -21.96 13.50 -3.48
CA VAL A 580 -21.62 14.74 -2.77
C VAL A 580 -20.21 15.19 -3.13
N LEU A 581 -20.07 16.45 -3.49
CA LEU A 581 -18.78 17.05 -3.82
C LEU A 581 -18.22 17.75 -2.58
N LEU A 582 -17.05 17.28 -2.13
CA LEU A 582 -16.44 17.69 -0.87
C LEU A 582 -15.01 18.14 -1.14
N ARG A 583 -14.58 19.15 -0.39
CA ARG A 583 -13.24 19.71 -0.52
C ARG A 583 -12.51 19.69 0.82
N GLY A 584 -11.27 19.21 0.82
CA GLY A 584 -10.48 19.12 2.03
C GLY A 584 -9.18 19.90 1.94
N ARG A 585 -8.20 19.50 2.76
CA ARG A 585 -6.90 20.17 2.77
C ARG A 585 -5.89 19.19 3.30
N GLY A 586 -4.84 18.91 2.52
CA GLY A 586 -3.91 17.87 2.91
C GLY A 586 -4.50 16.49 2.73
N GLN A 587 -3.97 15.54 3.52
CA GLN A 587 -4.31 14.13 3.46
C GLN A 587 -3.80 13.46 2.19
N VAL A 588 -3.83 12.14 2.18
CA VAL A 588 -3.27 11.32 1.10
C VAL A 588 -4.39 10.41 0.59
N SER A 589 -4.51 10.32 -0.73
CA SER A 589 -5.52 9.48 -1.35
C SER A 589 -4.93 8.11 -1.66
N SER A 590 -5.76 7.10 -1.47
N SER A 590 -5.74 7.05 -1.51
CA SER A 590 -5.40 5.72 -1.68
CA SER A 590 -5.12 5.72 -1.58
C SER A 590 -4.99 5.45 -3.13
C SER A 590 -4.90 5.27 -3.02
N GLY A 591 -4.30 4.32 -3.31
N GLY A 591 -5.85 5.54 -3.93
CA GLY A 591 -3.88 3.89 -4.62
CA GLY A 591 -5.76 5.05 -5.30
C GLY A 591 -2.50 3.27 -4.56
C GLY A 591 -4.86 5.87 -6.21
N ARG A 592 -1.77 3.67 -3.51
N ARG A 592 -3.63 6.11 -5.78
CA ARG A 592 -0.38 3.31 -3.22
CA ARG A 592 -2.64 6.84 -6.56
C ARG A 592 0.41 2.93 -4.46
C ARG A 592 -1.34 6.05 -6.50
N GLN A 593 0.54 3.84 -5.42
N GLN A 593 -0.80 5.65 -7.65
CA GLN A 593 1.47 3.56 -6.51
CA GLN A 593 0.35 4.74 -7.68
C GLN A 593 2.54 4.65 -6.49
C GLN A 593 1.54 5.31 -6.95
N PRO A 594 2.25 5.94 -6.87
N PRO A 594 1.94 6.57 -7.18
CA PRO A 594 3.16 7.01 -6.44
CA PRO A 594 3.08 7.12 -6.41
C PRO A 594 3.00 7.26 -4.96
C PRO A 594 2.85 7.21 -4.90
N THR A 595 1.77 7.06 -4.48
N THR A 595 1.60 7.06 -4.44
CA THR A 595 1.46 7.27 -3.08
CA THR A 595 1.33 7.24 -3.01
C THR A 595 2.28 6.35 -2.18
C THR A 595 2.20 6.34 -2.15
N TYR A 596 2.39 5.07 -2.56
CA TYR A 596 3.15 4.13 -1.75
C TYR A 596 4.57 4.64 -1.54
N ALA A 597 5.20 5.10 -2.61
CA ALA A 597 6.58 5.55 -2.53
C ALA A 597 6.66 6.83 -1.71
N ALA A 598 5.72 7.74 -1.91
CA ALA A 598 5.72 8.99 -1.16
C ALA A 598 5.39 8.75 0.30
N ASN A 599 4.46 7.84 0.58
CA ASN A 599 4.22 7.45 1.97
C ASN A 599 5.45 6.85 2.61
N THR A 600 6.14 5.95 1.89
CA THR A 600 7.31 5.31 2.46
C THR A 600 8.35 6.35 2.84
N ILE A 601 8.57 7.34 1.98
CA ILE A 601 9.61 8.34 2.22
C ILE A 601 9.23 9.22 3.40
N THR A 602 7.97 9.68 3.44
CA THR A 602 7.53 10.53 4.55
C THR A 602 7.50 9.76 5.87
N ASN A 603 7.15 8.47 5.83
CA ASN A 603 7.20 7.67 7.05
C ASN A 603 8.64 7.53 7.55
N PHE A 604 9.58 7.27 6.63
CA PHE A 604 11.00 7.21 7.01
C PHE A 604 11.46 8.53 7.64
N ILE A 605 11.14 9.65 7.00
CA ILE A 605 11.66 10.94 7.45
C ILE A 605 11.07 11.34 8.80
N THR A 606 9.74 11.26 8.94
CA THR A 606 9.12 11.64 10.21
C THR A 606 9.57 10.71 11.34
N THR A 607 9.75 9.43 11.06
CA THR A 607 10.23 8.51 12.09
C THR A 607 11.67 8.78 12.46
N THR A 608 12.54 8.95 11.46
CA THR A 608 13.96 9.22 11.71
C THR A 608 14.13 10.55 12.43
N TYR A 609 13.33 11.55 12.05
CA TYR A 609 13.37 12.83 12.74
C TYR A 609 13.03 12.67 14.21
N GLY A 610 11.88 12.06 14.53
CA GLY A 610 11.50 11.89 15.91
C GLY A 610 12.51 11.07 16.70
N MET A 611 13.12 10.09 16.06
CA MET A 611 14.13 9.29 16.77
C MET A 611 15.38 10.13 17.02
N ALA A 612 15.80 10.92 16.02
CA ALA A 612 17.04 11.69 16.18
C ALA A 612 16.89 12.74 17.26
N VAL A 613 15.77 13.47 17.26
CA VAL A 613 15.55 14.48 18.29
C VAL A 613 15.46 13.83 19.66
N THR A 614 14.69 12.74 19.78
CA THR A 614 14.49 12.10 21.09
C THR A 614 15.80 11.52 21.64
N LEU A 615 16.63 10.93 20.78
CA LEU A 615 17.88 10.38 21.27
C LEU A 615 18.99 11.42 21.40
N GLY A 616 18.72 12.67 21.02
CA GLY A 616 19.74 13.70 21.10
C GLY A 616 20.86 13.59 20.09
N ILE A 617 20.58 13.03 18.91
CA ILE A 617 21.59 12.98 17.86
C ILE A 617 21.78 14.39 17.31
N PRO A 618 23.00 14.93 17.32
CA PRO A 618 23.21 16.31 16.90
C PRO A 618 22.96 16.46 15.40
N GLU A 619 22.42 17.62 15.03
CA GLU A 619 21.98 17.83 13.65
C GLU A 619 23.14 17.69 12.66
N ALA A 620 24.36 18.09 13.07
CA ALA A 620 25.52 17.90 12.20
C ALA A 620 25.80 16.42 11.90
N ASP A 621 25.31 15.49 12.72
CA ASP A 621 25.45 14.07 12.41
C ASP A 621 24.29 13.54 11.55
N TRP A 622 23.27 14.34 11.28
CA TRP A 622 22.11 13.81 10.56
C TRP A 622 22.45 13.35 9.14
N PRO A 623 23.34 13.99 8.38
CA PRO A 623 23.69 13.40 7.07
C PRO A 623 24.29 12.00 7.21
N ARG A 624 25.19 11.79 8.16
CA ARG A 624 25.74 10.45 8.34
C ARG A 624 24.69 9.48 8.83
N LEU A 625 23.80 9.93 9.72
CA LEU A 625 22.72 9.06 10.20
C LEU A 625 21.88 8.54 9.04
N ILE A 626 21.46 9.43 8.15
CA ILE A 626 20.60 9.02 7.04
C ILE A 626 21.38 8.12 6.07
N ARG A 627 22.67 8.40 5.85
CA ARG A 627 23.50 7.50 5.03
C ARG A 627 23.60 6.13 5.68
N ASP A 628 23.80 6.08 7.00
CA ASP A 628 23.97 4.80 7.68
C ASP A 628 22.67 3.99 7.67
N LEU A 629 21.53 4.63 7.91
CA LEU A 629 20.26 3.92 7.78
C LEU A 629 20.11 3.34 6.38
N THR A 630 20.52 4.11 5.37
CA THR A 630 20.41 3.69 3.97
C THR A 630 21.36 2.55 3.65
N ASP A 631 22.53 2.52 4.28
CA ASP A 631 23.54 1.51 4.01
C ASP A 631 23.48 0.34 4.98
N GLU A 632 22.53 0.36 5.91
CA GLU A 632 22.45 -0.65 6.98
C GLU A 632 23.78 -0.77 7.72
N ARG A 633 24.29 0.36 8.18
CA ARG A 633 25.51 0.41 8.98
C ARG A 633 25.17 1.08 10.30
N GLY A 634 25.93 0.75 11.35
CA GLY A 634 25.65 1.28 12.67
C GLY A 634 24.60 0.48 13.41
N ASN A 635 24.29 0.92 14.62
CA ASN A 635 23.39 0.16 15.48
C ASN A 635 22.01 0.79 15.60
N ARG A 636 21.55 1.45 14.54
CA ARG A 636 20.16 1.85 14.38
C ARG A 636 19.73 1.40 12.99
N ARG A 637 18.57 0.77 12.90
CA ARG A 637 18.03 0.35 11.61
C ARG A 637 16.56 0.67 11.53
N LEU A 638 16.08 0.90 10.30
CA LEU A 638 14.66 1.02 10.01
C LEU A 638 14.29 0.07 8.88
N LEU A 639 13.06 -0.43 8.93
CA LEU A 639 12.38 -1.04 7.78
C LEU A 639 11.06 -0.32 7.61
N VAL A 640 10.76 0.15 6.40
CA VAL A 640 9.60 1.00 6.17
C VAL A 640 8.89 0.53 4.91
N SER A 641 7.56 0.40 4.97
CA SER A 641 6.80 0.13 3.75
C SER A 641 5.47 0.85 3.89
N GLY A 642 5.27 1.90 3.09
CA GLY A 642 4.05 2.67 3.20
C GLY A 642 3.94 3.25 4.60
N ASP A 643 2.78 3.08 5.24
CA ASP A 643 2.63 3.57 6.60
C ASP A 643 3.16 2.59 7.65
N ASP A 644 3.80 1.50 7.25
CA ASP A 644 4.27 0.47 8.17
C ASP A 644 5.76 0.64 8.42
N LYS A 645 6.18 0.55 9.68
CA LYS A 645 7.59 0.75 10.00
C LYS A 645 7.96 -0.10 11.21
N VAL A 646 9.23 -0.53 11.26
CA VAL A 646 9.84 -1.10 12.45
C VAL A 646 11.14 -0.33 12.69
N LEU A 647 11.30 0.21 13.88
CA LEU A 647 12.55 0.85 14.29
C LEU A 647 13.33 -0.08 15.18
N PHE A 648 14.60 -0.33 14.83
CA PHE A 648 15.49 -1.22 15.57
C PHE A 648 16.56 -0.38 16.26
N LEU A 649 16.73 -0.59 17.56
CA LEU A 649 17.71 0.16 18.35
C LEU A 649 18.32 -0.78 19.39
N ARG A 650 19.51 -0.42 19.86
CA ARG A 650 20.03 -1.08 21.04
C ARG A 650 19.08 -0.87 22.21
N GLY A 651 19.18 -1.76 23.21
CA GLY A 651 18.28 -1.68 24.35
C GLY A 651 18.29 -0.33 25.04
N ASP A 652 19.47 0.28 25.18
CA ASP A 652 19.52 1.52 25.95
C ASP A 652 18.84 2.66 25.20
N GLU A 653 19.08 2.76 23.89
CA GLU A 653 18.40 3.78 23.12
C GLU A 653 16.91 3.48 22.97
N ALA A 654 16.54 2.20 22.89
CA ALA A 654 15.14 1.85 22.76
C ALA A 654 14.34 2.35 23.96
N ARG A 655 14.93 2.26 25.15
CA ARG A 655 14.24 2.72 26.35
C ARG A 655 14.07 4.23 26.31
N VAL A 656 15.10 4.96 25.88
CA VAL A 656 14.96 6.41 25.72
C VAL A 656 13.88 6.72 24.68
N TYR A 657 13.91 6.04 23.53
CA TYR A 657 12.91 6.29 22.50
C TYR A 657 11.49 6.02 23.03
N ALA A 658 11.30 4.84 23.63
CA ALA A 658 9.97 4.41 24.04
C ALA A 658 9.34 5.35 25.05
N SER A 659 10.14 6.05 25.84
CA SER A 659 9.55 6.85 26.89
C SER A 659 9.16 8.26 26.46
N SER A 660 9.50 8.69 25.23
CA SER A 660 9.11 10.05 24.86
C SER A 660 9.03 10.39 23.36
N ALA A 661 9.40 9.49 22.45
CA ALA A 661 9.34 9.85 21.04
C ALA A 661 7.89 10.10 20.56
N TYR A 662 6.93 9.41 21.18
CA TYR A 662 5.52 9.63 20.87
C TYR A 662 5.09 11.08 21.00
N ARG A 663 5.81 11.89 21.79
CA ARG A 663 5.41 13.29 21.95
C ARG A 663 5.55 14.05 20.64
N ILE A 664 6.57 13.70 19.85
CA ILE A 664 6.82 14.39 18.60
C ILE A 664 5.81 13.96 17.54
N SER A 665 5.52 12.66 17.44
CA SER A 665 4.52 12.23 16.47
C SER A 665 3.13 12.67 16.89
N ASN A 666 2.82 12.67 18.20
CA ASN A 666 1.58 13.27 18.69
C ASN A 666 1.47 14.74 18.27
N ASP A 667 2.56 15.51 18.39
CA ASP A 667 2.55 16.91 17.97
C ASP A 667 2.11 17.07 16.51
N MET A 668 2.45 16.11 15.66
CA MET A 668 2.13 16.16 14.23
C MET A 668 0.80 15.50 13.92
N GLY A 669 0.06 15.03 14.92
CA GLY A 669 -1.19 14.35 14.67
C GLY A 669 -1.07 12.90 14.27
N LEU A 670 0.15 12.35 14.28
CA LEU A 670 0.40 10.97 13.88
C LEU A 670 0.22 10.05 15.09
N VAL A 671 -1.04 9.99 15.53
CA VAL A 671 -1.43 9.30 16.75
C VAL A 671 -1.36 7.80 16.53
N ARG A 672 -0.77 7.08 17.49
CA ARG A 672 -0.56 5.65 17.36
C ARG A 672 -1.85 4.89 17.61
N LYS A 673 -2.03 3.83 16.84
CA LYS A 673 -3.29 3.08 16.86
C LYS A 673 -3.37 2.18 18.08
N ASP A 674 -4.57 2.10 18.65
CA ASP A 674 -4.90 1.14 19.71
C ASP A 674 -4.07 1.34 20.97
N MET A 675 -3.53 2.53 21.21
CA MET A 675 -2.92 2.78 22.50
C MET A 675 -3.28 4.17 23.00
N ALA A 676 -3.13 4.35 24.30
CA ALA A 676 -3.34 5.65 24.91
C ALA A 676 -2.34 6.64 24.34
N LEU A 677 -2.74 7.91 24.35
CA LEU A 677 -1.99 8.95 23.65
C LEU A 677 -0.54 9.01 24.10
N GLU A 678 -0.31 8.89 25.41
CA GLU A 678 1.03 9.00 25.97
C GLU A 678 1.53 7.68 26.54
N GLN A 679 0.99 6.58 26.05
CA GLN A 679 1.49 5.27 26.44
C GLN A 679 2.93 5.10 25.94
N GLU A 680 3.80 4.60 26.81
CA GLU A 680 5.17 4.33 26.40
C GLU A 680 5.18 3.18 25.40
N SER A 681 6.12 3.24 24.46
CA SER A 681 6.22 2.23 23.41
C SER A 681 6.56 0.87 24.01
N GLU A 682 5.97 -0.17 23.44
CA GLU A 682 6.39 -1.53 23.77
C GLU A 682 7.71 -1.82 23.10
N ILE A 683 8.65 -2.36 23.86
CA ILE A 683 9.98 -2.68 23.35
C ILE A 683 9.98 -4.17 23.09
N ILE A 684 10.12 -4.56 21.81
CA ILE A 684 10.13 -5.97 21.41
C ILE A 684 11.56 -6.46 21.40
N VAL A 685 11.80 -7.61 22.04
CA VAL A 685 13.13 -8.19 22.10
C VAL A 685 13.20 -9.58 21.47
N ASP A 686 12.08 -10.16 21.03
CA ASP A 686 12.06 -11.45 20.36
C ASP A 686 11.74 -11.19 18.89
N VAL A 687 12.67 -11.54 18.02
CA VAL A 687 12.53 -11.31 16.58
C VAL A 687 11.20 -11.84 16.05
N LYS A 688 10.71 -12.95 16.61
CA LYS A 688 9.47 -13.56 16.10
C LYS A 688 8.22 -12.79 16.49
N GLU A 689 8.31 -11.81 17.39
CA GLU A 689 7.16 -10.98 17.77
C GLU A 689 7.09 -9.67 17.02
N ILE A 690 7.99 -9.42 16.09
CA ILE A 690 7.96 -8.17 15.33
C ILE A 690 6.96 -8.32 14.20
N SER A 691 5.99 -7.43 14.14
CA SER A 691 5.05 -7.41 13.05
C SER A 691 5.44 -6.31 12.07
N PHE A 692 5.54 -6.67 10.79
CA PHE A 692 5.89 -5.77 9.71
C PHE A 692 5.14 -6.22 8.46
N CYS A 693 4.50 -5.28 7.77
CA CYS A 693 3.65 -5.60 6.62
C CYS A 693 2.65 -6.70 6.93
N SER A 694 2.01 -6.61 8.11
CA SER A 694 0.93 -7.50 8.54
C SER A 694 1.37 -8.94 8.72
N HIS A 695 2.66 -9.21 8.89
CA HIS A 695 3.14 -10.57 9.14
C HIS A 695 4.12 -10.55 10.31
N ARG A 696 4.22 -11.69 10.96
CA ARG A 696 5.38 -12.01 11.78
C ARG A 696 6.22 -13.02 11.02
N TYR A 697 7.43 -13.27 11.49
CA TYR A 697 8.41 -14.05 10.75
C TYR A 697 8.99 -15.11 11.66
N TRP A 698 8.93 -16.38 11.22
CA TRP A 698 9.41 -17.51 12.00
C TRP A 698 10.57 -18.20 11.30
N PRO A 699 11.49 -18.81 12.06
CA PRO A 699 12.64 -19.48 11.43
C PRO A 699 12.18 -20.79 10.81
N VAL A 700 12.52 -21.01 9.54
CA VAL A 700 12.14 -22.23 8.84
C VAL A 700 13.41 -22.85 8.25
N LYS A 701 13.56 -24.18 8.37
CA LYS A 701 14.76 -24.85 7.87
C LYS A 701 14.66 -25.15 6.38
N TYR A 702 15.68 -24.74 5.63
CA TYR A 702 15.86 -25.13 4.23
C TYR A 702 17.16 -25.92 4.15
N GLY A 703 17.05 -27.24 4.02
CA GLY A 703 18.24 -28.07 4.15
C GLY A 703 18.82 -27.85 5.54
N ASN A 704 20.06 -27.39 5.62
CA ASN A 704 20.65 -27.11 6.91
C ASN A 704 20.77 -25.61 7.22
N GLU A 705 20.13 -24.72 6.44
CA GLU A 705 20.13 -23.31 6.80
C GLU A 705 18.74 -22.85 7.20
N ILE A 706 18.70 -21.69 7.87
CA ILE A 706 17.48 -21.15 8.44
C ILE A 706 17.15 -19.85 7.70
N HIS A 707 15.88 -19.68 7.36
CA HIS A 707 15.39 -18.42 6.84
C HIS A 707 14.07 -18.09 7.50
N TYR A 708 13.85 -16.81 7.75
CA TYR A 708 12.68 -16.34 8.47
C TYR A 708 11.57 -16.09 7.46
N MET A 709 10.43 -16.77 7.67
CA MET A 709 9.38 -16.77 6.67
C MET A 709 8.06 -16.23 7.25
N PRO A 710 7.20 -15.69 6.41
CA PRO A 710 6.09 -14.88 6.91
C PRO A 710 4.93 -15.73 7.39
N VAL A 711 4.34 -15.31 8.51
CA VAL A 711 3.11 -15.94 8.96
C VAL A 711 2.10 -14.87 9.35
N ARG A 712 0.84 -15.18 9.12
CA ARG A 712 -0.29 -14.42 9.65
C ARG A 712 -1.49 -15.37 9.68
N ASP A 713 -2.62 -14.87 10.15
CA ASP A 713 -3.80 -15.71 10.24
C ASP A 713 -4.14 -16.28 8.87
N VAL A 714 -4.36 -17.60 8.79
CA VAL A 714 -4.53 -18.22 7.47
C VAL A 714 -5.86 -17.83 6.84
N GLY A 715 -6.84 -17.44 7.65
CA GLY A 715 -8.06 -16.90 7.08
C GLY A 715 -7.80 -15.63 6.28
N GLU A 716 -6.90 -14.77 6.76
CA GLU A 716 -6.57 -13.58 5.99
C GLU A 716 -5.85 -13.96 4.72
N ILE A 717 -4.92 -14.92 4.81
CA ILE A 717 -4.19 -15.37 3.63
C ILE A 717 -5.15 -15.92 2.59
N PHE A 718 -6.09 -16.77 3.02
CA PHE A 718 -7.01 -17.37 2.06
C PHE A 718 -8.00 -16.34 1.51
N ALA A 719 -8.54 -15.48 2.38
CA ALA A 719 -9.44 -14.44 1.91
C ALA A 719 -8.80 -13.58 0.83
N LYS A 720 -7.56 -13.14 1.05
CA LYS A 720 -6.89 -12.31 0.04
C LYS A 720 -6.64 -13.10 -1.24
N ALA A 721 -6.46 -14.42 -1.14
CA ALA A 721 -6.30 -15.23 -2.34
C ALA A 721 -7.62 -15.49 -3.06
N THR A 722 -8.76 -15.17 -2.45
CA THR A 722 -10.08 -15.49 -3.00
C THR A 722 -10.82 -14.27 -3.54
N MET A 723 -10.75 -13.14 -2.87
CA MET A 723 -11.54 -11.98 -3.25
C MET A 723 -10.73 -11.05 -4.16
N ALA A 724 -11.19 -10.91 -5.39
CA ALA A 724 -10.55 -10.06 -6.39
C ALA A 724 -10.85 -8.60 -6.14
N ASP A 731 -13.59 -13.86 -16.44
CA ASP A 731 -13.57 -14.77 -17.56
C ASP A 731 -12.35 -15.69 -17.49
N MET A 732 -11.56 -15.68 -18.57
CA MET A 732 -10.23 -16.28 -18.51
C MET A 732 -9.29 -15.48 -17.63
N THR A 733 -9.63 -14.21 -17.37
CA THR A 733 -8.84 -13.44 -16.42
C THR A 733 -9.14 -13.85 -15.00
N GLN A 734 -10.36 -14.33 -14.72
CA GLN A 734 -10.63 -14.88 -13.40
C GLN A 734 -9.78 -16.12 -13.14
N GLU A 735 -9.57 -16.95 -14.18
CA GLU A 735 -8.72 -18.13 -14.03
C GLU A 735 -7.25 -17.75 -13.94
N ALA A 736 -6.82 -16.82 -14.81
CA ALA A 736 -5.45 -16.33 -14.74
C ALA A 736 -5.17 -15.70 -13.38
N TRP A 737 -6.13 -14.95 -12.84
CA TRP A 737 -5.97 -14.34 -11.53
C TRP A 737 -5.80 -15.40 -10.45
N ALA A 738 -6.65 -16.42 -10.47
CA ALA A 738 -6.48 -17.51 -9.50
C ALA A 738 -5.10 -18.14 -9.63
N ARG A 739 -4.64 -18.38 -10.86
CA ARG A 739 -3.36 -19.06 -11.04
C ARG A 739 -2.20 -18.24 -10.46
N VAL A 740 -2.27 -16.92 -10.59
CA VAL A 740 -1.22 -16.05 -10.05
C VAL A 740 -1.25 -16.11 -8.52
N GLN A 741 -2.45 -16.15 -7.94
CA GLN A 741 -2.54 -16.35 -6.50
C GLN A 741 -1.93 -17.69 -6.09
N GLY A 742 -2.09 -18.72 -6.92
CA GLY A 742 -1.49 -20.01 -6.58
C GLY A 742 0.03 -19.94 -6.62
N LEU A 743 0.57 -19.32 -7.68
CA LEU A 743 2.01 -19.16 -7.77
C LEU A 743 2.55 -18.31 -6.61
N ASN A 744 1.85 -17.22 -6.28
CA ASN A 744 2.32 -16.35 -5.20
C ASN A 744 2.27 -17.06 -3.86
N MET A 745 1.22 -17.84 -3.63
CA MET A 745 1.08 -18.54 -2.35
C MET A 745 2.13 -19.62 -2.21
N LEU A 746 2.45 -20.33 -3.31
CA LEU A 746 3.48 -21.35 -3.25
C LEU A 746 4.84 -20.74 -2.93
N VAL A 747 5.16 -19.59 -3.54
CA VAL A 747 6.45 -18.97 -3.31
C VAL A 747 6.57 -18.46 -1.89
N ASN A 748 5.52 -17.78 -1.38
CA ASN A 748 5.61 -17.05 -0.13
C ASN A 748 5.18 -17.83 1.10
N TYR A 749 4.35 -18.87 0.95
CA TYR A 749 3.73 -19.52 2.10
C TYR A 749 3.87 -21.04 2.07
N HIS A 750 4.82 -21.58 1.29
CA HIS A 750 4.98 -23.03 1.21
C HIS A 750 5.26 -23.67 2.56
N HIS A 751 5.79 -22.89 3.52
CA HIS A 751 6.12 -23.40 4.85
C HIS A 751 4.90 -23.61 5.72
N ILE A 752 3.75 -23.08 5.29
CA ILE A 752 2.48 -23.32 5.96
C ILE A 752 1.77 -24.45 5.21
N PRO A 753 1.58 -25.62 5.82
CA PRO A 753 1.09 -26.78 5.03
C PRO A 753 -0.22 -26.55 4.29
N GLU A 754 -1.24 -25.99 4.95
CA GLU A 754 -2.49 -25.76 4.25
C GLU A 754 -2.33 -24.77 3.10
N CYS A 755 -1.32 -23.89 3.17
CA CYS A 755 -1.08 -22.94 2.08
C CYS A 755 -0.36 -23.62 0.92
N ARG A 756 0.64 -24.44 1.21
CA ARG A 756 1.27 -25.19 0.13
C ARG A 756 0.24 -26.09 -0.55
N MET A 757 -0.66 -26.70 0.23
CA MET A 757 -1.65 -27.59 -0.35
C MET A 757 -2.64 -26.82 -1.22
N LEU A 758 -3.19 -25.73 -0.72
CA LEU A 758 -4.10 -24.93 -1.54
C LEU A 758 -3.40 -24.41 -2.79
N ALA A 759 -2.15 -23.96 -2.66
CA ALA A 759 -1.37 -23.52 -3.81
C ALA A 759 -1.25 -24.63 -4.86
N LEU A 760 -0.90 -25.84 -4.44
CA LEU A 760 -0.77 -26.93 -5.40
C LEU A 760 -2.11 -27.27 -6.04
N ALA A 761 -3.20 -27.20 -5.27
CA ALA A 761 -4.52 -27.41 -5.85
C ALA A 761 -4.88 -26.34 -6.86
N ILE A 762 -4.58 -25.06 -6.55
CA ILE A 762 -4.86 -23.97 -7.48
C ILE A 762 -4.12 -24.19 -8.80
N LEU A 763 -2.85 -24.57 -8.72
CA LEU A 763 -2.06 -24.79 -9.93
C LEU A 763 -2.51 -26.03 -10.69
N SER A 764 -3.19 -26.98 -10.01
CA SER A 764 -3.72 -28.16 -10.69
C SER A 764 -5.05 -27.92 -11.38
N VAL A 765 -5.83 -26.91 -10.94
CA VAL A 765 -7.14 -26.64 -11.51
C VAL A 765 -7.14 -25.53 -12.54
N THR A 766 -6.07 -24.75 -12.63
CA THR A 766 -5.98 -23.67 -13.60
C THR A 766 -5.12 -24.13 -14.77
N ARG A 767 -5.50 -23.73 -15.97
CA ARG A 767 -4.90 -24.29 -17.17
C ARG A 767 -3.58 -23.60 -17.50
N ILE A 768 -2.76 -24.32 -18.25
CA ILE A 768 -1.49 -23.82 -18.75
C ILE A 768 -1.73 -22.86 -19.91
N GLY A 769 -0.81 -21.93 -20.12
CA GLY A 769 -0.86 -21.06 -21.29
C GLY A 769 -1.61 -19.75 -21.13
N LEU A 770 -2.07 -19.42 -19.93
CA LEU A 770 -2.73 -18.14 -19.70
C LEU A 770 -1.71 -17.01 -19.65
N ASN A 771 -2.20 -15.78 -19.81
CA ASN A 771 -1.34 -14.59 -19.74
C ASN A 771 -1.31 -14.15 -18.28
N LEU A 772 -0.31 -14.66 -17.55
CA LEU A 772 -0.14 -14.29 -16.15
C LEU A 772 0.48 -12.91 -16.00
N LYS A 773 1.39 -12.53 -16.91
CA LYS A 773 2.04 -11.23 -16.81
C LYS A 773 1.05 -10.07 -16.91
N GLY A 774 -0.04 -10.23 -17.66
CA GLY A 774 -1.05 -9.20 -17.69
C GLY A 774 -1.65 -8.91 -16.32
N ILE A 775 -1.82 -9.96 -15.51
CA ILE A 775 -2.37 -9.83 -14.17
C ILE A 775 -1.49 -8.95 -13.29
N SER A 782 7.81 -10.51 -8.83
CA SER A 782 6.79 -11.12 -9.66
C SER A 782 7.18 -11.05 -11.14
N THR A 783 8.25 -11.76 -11.47
CA THR A 783 8.66 -11.99 -12.85
C THR A 783 9.46 -13.29 -12.87
N GLU A 784 10.41 -13.38 -11.93
CA GLU A 784 11.23 -14.59 -11.79
C GLU A 784 10.39 -15.84 -11.68
N TRP A 785 9.25 -15.76 -10.99
CA TRP A 785 8.47 -16.95 -10.66
C TRP A 785 7.08 -16.99 -11.28
N LEU A 786 6.68 -15.97 -12.05
CA LEU A 786 5.35 -15.97 -12.69
C LEU A 786 5.37 -16.78 -13.98
N ARG A 787 5.49 -18.10 -13.81
CA ARG A 787 5.62 -18.99 -14.95
C ARG A 787 4.89 -20.30 -14.69
N ASP A 788 4.34 -20.86 -15.79
CA ASP A 788 3.64 -22.12 -15.73
C ASP A 788 4.55 -23.26 -15.29
N ASP A 789 5.82 -23.22 -15.69
CA ASP A 789 6.78 -24.25 -15.32
C ASP A 789 7.53 -23.93 -14.02
N LEU A 790 6.91 -23.21 -13.09
CA LEU A 790 7.56 -22.92 -11.82
C LEU A 790 7.95 -24.21 -11.13
N ALA A 791 9.16 -24.25 -10.59
CA ALA A 791 9.66 -25.44 -9.92
C ALA A 791 10.38 -25.03 -8.66
N PRO A 792 10.70 -25.96 -7.75
CA PRO A 792 11.37 -25.55 -6.49
C PRO A 792 12.71 -24.86 -6.71
N ASP A 793 13.42 -25.17 -7.79
CA ASP A 793 14.70 -24.53 -8.05
C ASP A 793 14.56 -23.00 -8.15
N THR A 794 13.43 -22.52 -8.68
CA THR A 794 13.19 -21.08 -8.66
C THR A 794 13.01 -20.59 -7.23
N ILE A 795 12.28 -21.33 -6.41
CA ILE A 795 12.05 -20.91 -5.04
C ILE A 795 13.35 -20.94 -4.23
N HIS A 796 14.12 -22.02 -4.37
CA HIS A 796 15.42 -22.08 -3.71
C HIS A 796 16.34 -20.96 -4.17
N ALA A 797 16.26 -20.55 -5.44
CA ALA A 797 17.07 -19.45 -5.91
C ALA A 797 16.72 -18.15 -5.18
N LEU A 798 15.44 -17.94 -4.90
CA LEU A 798 15.01 -16.73 -4.22
C LEU A 798 15.41 -16.73 -2.75
N ILE A 799 15.41 -17.88 -2.10
CA ILE A 799 15.54 -17.95 -0.65
C ILE A 799 16.98 -18.26 -0.22
N THR A 800 17.61 -19.27 -0.82
CA THR A 800 18.96 -19.68 -0.43
C THR A 800 19.98 -19.46 -1.54
N GLU A 801 19.65 -18.65 -2.54
CA GLU A 801 20.50 -18.46 -3.73
C GLU A 801 20.89 -19.80 -4.34
N GLY A 802 20.00 -20.77 -4.28
CA GLY A 802 20.28 -22.07 -4.86
C GLY A 802 21.30 -22.91 -4.15
N ARG A 803 21.50 -22.71 -2.85
CA ARG A 803 22.31 -23.65 -2.07
C ARG A 803 21.56 -24.91 -1.74
N THR A 804 20.23 -24.89 -1.82
CA THR A 804 19.37 -26.03 -1.53
C THR A 804 18.58 -26.35 -2.79
N SER A 805 17.92 -27.51 -2.81
CA SER A 805 17.23 -27.93 -4.02
C SER A 805 16.10 -28.89 -3.71
N GLY A 806 15.16 -28.99 -4.64
CA GLY A 806 14.15 -30.02 -4.60
C GLY A 806 12.98 -29.67 -3.71
N TRP A 807 11.92 -30.48 -3.84
CA TRP A 807 10.73 -30.29 -3.00
C TRP A 807 11.04 -30.54 -1.54
N ASP A 808 11.92 -31.50 -1.24
CA ASP A 808 12.14 -31.98 0.12
C ASP A 808 12.95 -31.02 0.97
N GLN A 809 13.62 -30.04 0.36
CA GLN A 809 14.35 -29.04 1.13
C GLN A 809 13.56 -27.72 1.26
N LEU A 810 12.30 -27.70 0.84
CA LEU A 810 11.41 -26.58 1.14
C LEU A 810 10.78 -26.82 2.51
N GLY A 811 11.17 -26.02 3.49
CA GLY A 811 10.82 -26.32 4.87
C GLY A 811 9.36 -26.06 5.19
N TYR A 812 8.96 -26.58 6.34
CA TYR A 812 7.66 -26.37 6.95
C TYR A 812 7.84 -25.83 8.36
N VAL A 813 6.82 -25.11 8.85
CA VAL A 813 6.80 -24.81 10.28
C VAL A 813 6.62 -26.11 11.07
N ASP A 814 7.04 -26.09 12.33
CA ASP A 814 6.91 -27.27 13.17
C ASP A 814 5.44 -27.60 13.41
N PHE A 815 5.15 -28.90 13.51
CA PHE A 815 3.78 -29.35 13.72
C PHE A 815 3.19 -28.74 14.98
N LYS A 816 4.01 -28.58 16.01
CA LYS A 816 3.55 -28.04 17.29
C LYS A 816 3.01 -26.62 17.16
N ASP A 817 3.38 -25.89 16.12
CA ASP A 817 2.97 -24.51 15.97
C ASP A 817 1.78 -24.36 15.05
N ARG A 818 1.18 -25.47 14.62
CA ARG A 818 0.07 -25.39 13.69
C ARG A 818 -1.22 -25.26 14.50
N LYS A 819 -1.46 -24.02 14.92
CA LYS A 819 -2.59 -23.62 15.74
C LYS A 819 -2.57 -22.10 15.77
N GLY A 820 -3.60 -21.52 16.38
CA GLY A 820 -3.70 -20.08 16.53
C GLY A 820 -3.97 -19.39 15.21
N ILE A 821 -2.96 -18.69 14.68
CA ILE A 821 -3.13 -18.07 13.37
C ILE A 821 -3.14 -19.12 12.25
N LEU A 822 -2.56 -20.30 12.49
CA LEU A 822 -2.51 -21.35 11.48
C LEU A 822 -3.61 -22.37 11.72
N LEU A 823 -3.95 -23.08 10.66
CA LEU A 823 -5.02 -24.08 10.72
C LEU A 823 -4.60 -25.27 11.57
N ARG A 824 -5.40 -25.61 12.57
CA ARG A 824 -5.17 -26.84 13.32
C ARG A 824 -5.38 -28.05 12.40
N PRO A 825 -4.46 -29.02 12.41
CA PRO A 825 -4.54 -30.16 11.48
C PRO A 825 -5.47 -31.28 11.98
N ASP A 826 -6.75 -30.97 12.15
CA ASP A 826 -7.71 -31.92 12.65
C ASP A 826 -8.44 -32.62 11.49
N THR A 827 -9.50 -33.37 11.84
CA THR A 827 -10.25 -34.12 10.83
C THR A 827 -10.87 -33.22 9.78
N ASN A 828 -11.26 -31.99 10.14
CA ASN A 828 -11.78 -31.06 9.14
C ASN A 828 -10.71 -30.74 8.10
N TYR A 829 -9.49 -30.46 8.55
CA TYR A 829 -8.37 -30.29 7.62
C TYR A 829 -8.11 -31.58 6.83
N LYS A 830 -8.08 -32.73 7.52
CA LYS A 830 -7.71 -33.96 6.84
C LYS A 830 -8.74 -34.39 5.82
N ASN A 831 -10.03 -34.13 6.07
CA ASN A 831 -11.06 -34.48 5.11
C ASN A 831 -10.99 -33.60 3.86
N TRP A 832 -10.70 -32.31 4.05
CA TRP A 832 -10.48 -31.39 2.93
C TRP A 832 -9.34 -31.87 2.05
N ARG A 833 -8.21 -32.24 2.67
CA ARG A 833 -7.07 -32.79 1.95
C ARG A 833 -7.44 -34.06 1.20
N ARG A 834 -8.22 -34.95 1.84
CA ARG A 834 -8.65 -36.18 1.19
C ARG A 834 -9.43 -35.90 -0.09
N ASP A 835 -10.36 -34.96 -0.04
CA ASP A 835 -11.25 -34.72 -1.16
C ASP A 835 -10.70 -33.75 -2.19
N LEU A 836 -9.50 -33.20 -1.96
CA LEU A 836 -8.95 -32.21 -2.89
C LEU A 836 -8.70 -32.80 -4.28
N PRO A 837 -8.11 -33.98 -4.43
CA PRO A 837 -7.96 -34.55 -5.79
C PRO A 837 -9.26 -34.68 -6.55
N GLU A 838 -10.33 -35.15 -5.91
CA GLU A 838 -11.63 -35.22 -6.56
C GLU A 838 -12.14 -33.83 -6.89
N LYS A 839 -11.99 -32.87 -5.96
CA LYS A 839 -12.45 -31.52 -6.24
C LYS A 839 -11.69 -30.90 -7.41
N VAL A 840 -10.38 -31.19 -7.50
CA VAL A 840 -9.59 -30.71 -8.63
C VAL A 840 -10.13 -31.26 -9.94
N ARG A 841 -10.40 -32.56 -10.00
CA ARG A 841 -10.90 -33.17 -11.22
C ARG A 841 -12.26 -32.60 -11.60
N GLN A 842 -13.08 -32.26 -10.61
CA GLN A 842 -14.38 -31.70 -10.91
C GLN A 842 -14.28 -30.25 -11.38
N LEU A 843 -13.33 -29.48 -10.84
CA LEU A 843 -13.21 -28.08 -11.20
C LEU A 843 -12.48 -27.86 -12.53
N ARG A 844 -11.73 -28.84 -13.01
CA ARG A 844 -11.04 -28.74 -14.29
C ARG A 844 -12.07 -28.72 -15.41
N GLU A 845 -11.73 -28.01 -16.49
CA GLU A 845 -12.65 -27.82 -17.61
C GLU A 845 -11.97 -28.33 -18.88
N ASP A 846 -11.90 -27.51 -19.93
CA ASP A 846 -11.40 -27.91 -21.24
C ASP A 846 -9.92 -27.61 -21.45
N GLY A 847 -9.23 -27.08 -20.44
CA GLY A 847 -7.84 -26.68 -20.61
C GLY A 847 -6.87 -27.84 -20.49
N GLN A 848 -5.59 -27.50 -20.61
CA GLN A 848 -4.52 -28.45 -20.31
C GLN A 848 -4.02 -28.19 -18.89
N TYR A 849 -3.97 -29.24 -18.10
CA TYR A 849 -3.64 -29.14 -16.68
C TYR A 849 -2.49 -30.08 -16.37
N LYS A 850 -1.80 -29.79 -15.27
CA LYS A 850 -0.81 -30.70 -14.70
C LYS A 850 -1.23 -31.00 -13.26
N ASP A 851 -0.79 -32.14 -12.76
CA ASP A 851 -1.09 -32.54 -11.38
C ASP A 851 0.04 -32.07 -10.47
N TRP A 852 -0.26 -31.10 -9.60
CA TRP A 852 0.70 -30.63 -8.60
C TRP A 852 0.52 -31.24 -7.23
N LEU A 853 -0.68 -31.77 -6.92
CA LEU A 853 -0.94 -32.27 -5.57
C LEU A 853 0.00 -33.40 -5.18
N GLN A 854 0.51 -34.15 -6.16
CA GLN A 854 1.46 -35.22 -5.87
C GLN A 854 2.82 -34.70 -5.40
N LYS A 855 3.10 -33.40 -5.53
CA LYS A 855 4.36 -32.86 -5.05
C LYS A 855 4.42 -32.82 -3.53
N MET A 856 3.27 -33.00 -2.89
CA MET A 856 3.08 -33.00 -1.45
C MET A 856 2.52 -34.36 -1.05
N ALA A 857 1.94 -34.47 0.14
CA ALA A 857 1.33 -35.72 0.57
C ALA A 857 -0.09 -35.47 1.07
#